data_7ETR
#
_entry.id   7ETR
#
_cell.length_a   85.404
_cell.length_b   85.404
_cell.length_c   110.918
_cell.angle_alpha   90.000
_cell.angle_beta   90.000
_cell.angle_gamma   90.000
#
_symmetry.space_group_name_H-M   'P 43 21 2'
#
loop_
_entity.id
_entity.type
_entity.pdbx_description
1 polymer 'Transcriptional regulator CopG family'
2 polymer 'Toxin module of toxin-antitoxin system RelE/StbE family'
#
loop_
_entity_poly.entity_id
_entity_poly.type
_entity_poly.pdbx_seq_one_letter_code
_entity_poly.pdbx_strand_id
1 'polypeptide(L)'
;(MSE)STIKPVSVKLDADIKARVEHLAETRKRSSHW(MSE)(MSE)REAIREYVEREEKREALQQEALRAWEEHQTSGLH
VTGDEVVSWLESWGSENEQAALHATNSLHCHCIT
;
A,B
2 'polypeptide(L)'
;(MSE)PQIVFTATALRDLERLREFLRSKNPPAAQRAASAIINTIRKLESYPDIGRPIDDNDFSFRELLIDFGDTGYLA
(MSE)YQYDGGERLTVLCIRHQKEAGY
;
C,D
#
# COMPACT_ATOMS: atom_id res chain seq x y z
N PRO A 6 24.49 18.44 15.85
CA PRO A 6 23.13 17.90 15.91
C PRO A 6 22.56 18.14 17.29
N VAL A 7 22.31 17.07 18.02
CA VAL A 7 21.77 17.10 19.38
C VAL A 7 20.64 18.03 19.82
N SER A 8 19.54 18.01 19.09
CA SER A 8 18.42 18.88 19.42
C SER A 8 17.25 18.10 19.97
N VAL A 9 16.50 18.71 20.88
CA VAL A 9 15.41 18.00 21.51
C VAL A 9 13.99 18.18 21.01
N LYS A 10 13.26 17.08 21.07
CA LYS A 10 11.86 16.94 20.74
C LYS A 10 11.07 16.67 22.02
N LEU A 11 9.79 17.02 21.99
CA LEU A 11 8.90 16.75 23.11
C LEU A 11 7.58 16.23 22.60
N ASP A 12 7.19 15.04 23.06
CA ASP A 12 5.93 14.41 22.72
C ASP A 12 5.06 14.38 23.97
N ALA A 13 3.89 13.75 23.86
CA ALA A 13 2.96 13.64 24.99
C ALA A 13 2.91 12.15 25.26
N ASP A 14 1.73 11.61 25.64
CA ASP A 14 1.53 10.17 25.78
C ASP A 14 2.15 9.29 24.70
N ILE A 15 2.32 9.80 23.48
CA ILE A 15 2.92 9.00 22.41
C ILE A 15 4.28 8.45 22.80
N LYS A 16 5.06 9.22 23.58
CA LYS A 16 6.36 8.72 24.00
C LYS A 16 6.24 7.49 24.89
N ALA A 17 5.13 7.38 25.64
CA ALA A 17 4.90 6.17 26.41
C ALA A 17 4.69 4.97 25.50
N ARG A 18 3.85 5.11 24.46
CA ARG A 18 3.72 4.04 23.48
C ARG A 18 5.05 3.75 22.82
N VAL A 19 5.92 4.75 22.70
CA VAL A 19 7.26 4.53 22.18
C VAL A 19 8.08 3.70 23.17
N GLU A 20 8.26 4.22 24.39
CA GLU A 20 9.04 3.52 25.39
C GLU A 20 8.51 2.11 25.66
N HIS A 21 7.20 1.93 25.59
CA HIS A 21 6.64 0.58 25.67
C HIS A 21 7.02 -0.25 24.46
N LEU A 22 6.84 0.32 23.26
CA LEU A 22 7.30 -0.35 22.06
C LEU A 22 8.82 -0.51 22.05
N ALA A 23 9.55 0.43 22.65
CA ALA A 23 11.00 0.35 22.76
C ALA A 23 11.25 -0.48 24.00
N GLU A 24 10.92 -1.77 23.92
CA GLU A 24 10.98 -2.68 25.05
C GLU A 24 10.34 -4.00 24.67
N THR A 25 9.24 -3.95 23.92
CA THR A 25 8.69 -5.14 23.29
C THR A 25 9.63 -5.72 22.25
N ARG A 26 9.91 -4.96 21.21
CA ARG A 26 10.88 -5.41 20.24
C ARG A 26 12.27 -5.11 20.79
N LYS A 27 12.38 -4.95 22.11
CA LYS A 27 13.61 -4.65 22.83
C LYS A 27 14.66 -3.75 22.15
N ARG A 28 14.25 -2.65 21.54
CA ARG A 28 15.19 -1.77 20.87
C ARG A 28 15.41 -0.50 21.65
N SER A 29 16.43 0.26 21.30
CA SER A 29 16.71 1.51 21.99
C SER A 29 15.66 2.54 21.62
N SER A 30 15.04 3.16 22.63
CA SER A 30 14.09 4.22 22.37
C SER A 30 14.72 5.34 21.57
N HIS A 31 15.95 5.73 21.93
CA HIS A 31 16.64 6.79 21.21
C HIS A 31 16.89 6.41 19.75
N TRP A 32 17.20 5.13 19.50
CA TRP A 32 17.40 4.70 18.12
C TRP A 32 16.10 4.75 17.33
N MSE A 33 15.08 4.08 17.84
CA MSE A 33 13.77 4.00 17.19
C MSE A 33 13.30 5.34 16.64
O MSE A 33 12.90 5.44 15.48
CB MSE A 33 12.74 3.46 18.18
CG MSE A 33 12.39 1.99 18.01
SE MSE A 33 10.76 1.61 19.05
CE MSE A 33 10.57 -0.30 18.75
N MSE A 34 13.35 6.35 17.49
CA MSE A 34 12.90 7.70 17.14
C MSE A 34 13.60 8.22 15.89
O MSE A 34 13.03 8.98 15.11
CB MSE A 34 13.13 8.68 18.29
CG MSE A 34 12.37 8.34 19.55
SE MSE A 34 12.42 9.80 20.85
CE MSE A 34 11.58 8.95 22.40
N ARG A 35 14.88 7.85 15.74
CA ARG A 35 15.66 8.36 14.64
C ARG A 35 15.20 7.75 13.32
N GLU A 36 15.04 6.42 13.31
CA GLU A 36 14.50 5.69 12.17
C GLU A 36 13.18 6.31 11.73
N ALA A 37 12.40 6.77 12.71
CA ALA A 37 11.12 7.41 12.42
C ALA A 37 11.30 8.60 11.51
N ILE A 38 12.26 9.47 11.83
CA ILE A 38 12.44 10.69 11.06
C ILE A 38 12.99 10.38 9.68
N ARG A 39 13.93 9.43 9.60
CA ARG A 39 14.50 9.09 8.31
C ARG A 39 13.44 8.55 7.37
N GLU A 40 12.74 7.48 7.79
CA GLU A 40 11.60 6.97 7.05
C GLU A 40 10.66 8.09 6.67
N TYR A 41 10.36 8.97 7.62
CA TYR A 41 9.48 10.11 7.38
C TYR A 41 10.02 10.97 6.25
N VAL A 42 11.17 11.61 6.48
CA VAL A 42 11.74 12.53 5.51
C VAL A 42 11.96 11.84 4.16
N GLU A 43 12.33 10.56 4.16
CA GLU A 43 12.45 9.84 2.90
C GLU A 43 11.11 9.76 2.18
N ARG A 44 10.07 9.24 2.85
CA ARG A 44 8.73 9.24 2.30
C ARG A 44 8.30 10.66 1.91
N GLU A 45 8.58 11.62 2.80
CA GLU A 45 8.04 12.95 2.62
C GLU A 45 8.75 13.72 1.52
N GLU A 46 10.05 13.45 1.31
CA GLU A 46 10.74 14.03 0.16
C GLU A 46 10.18 13.47 -1.14
N LYS A 47 9.76 12.20 -1.15
CA LYS A 47 9.14 11.63 -2.33
C LYS A 47 7.76 12.19 -2.57
N ARG A 48 7.07 12.60 -1.50
CA ARG A 48 5.79 13.31 -1.67
C ARG A 48 6.02 14.70 -2.24
N GLU A 49 7.07 15.39 -1.78
CA GLU A 49 7.41 16.69 -2.34
C GLU A 49 7.82 16.58 -3.80
N ALA A 50 8.34 15.41 -4.20
CA ALA A 50 8.70 15.20 -5.60
C ALA A 50 7.46 15.01 -6.46
N LEU A 51 6.55 14.15 -6.01
CA LEU A 51 5.28 13.96 -6.72
C LEU A 51 4.53 15.27 -6.87
N GLN A 52 4.63 16.16 -5.87
CA GLN A 52 4.00 17.47 -5.96
C GLN A 52 4.43 18.21 -7.22
N GLN A 53 5.74 18.38 -7.38
CA GLN A 53 6.27 19.20 -8.47
C GLN A 53 5.96 18.57 -9.82
N GLU A 54 6.27 17.29 -9.99
CA GLU A 54 5.97 16.62 -11.26
C GLU A 54 4.46 16.68 -11.53
N ALA A 55 3.65 16.68 -10.48
CA ALA A 55 2.24 17.01 -10.63
C ALA A 55 2.05 18.47 -11.00
N LEU A 56 2.65 19.36 -10.21
CA LEU A 56 2.58 20.79 -10.49
C LEU A 56 3.13 21.12 -11.87
N ARG A 57 4.24 20.48 -12.26
CA ARG A 57 4.81 20.72 -13.59
C ARG A 57 3.88 20.24 -14.68
N ALA A 58 3.38 19.02 -14.50
CA ALA A 58 2.51 18.39 -15.47
C ALA A 58 1.46 19.36 -15.87
N TRP A 59 1.02 20.12 -14.89
CA TRP A 59 -0.01 21.11 -15.10
C TRP A 59 0.58 22.16 -15.98
N GLU A 60 1.54 22.85 -15.43
CA GLU A 60 2.16 23.95 -16.17
C GLU A 60 2.31 23.61 -17.64
N GLU A 61 2.60 22.35 -17.96
CA GLU A 61 2.70 21.94 -19.36
C GLU A 61 1.33 21.92 -20.02
N HIS A 62 0.32 21.39 -19.31
CA HIS A 62 -1.02 21.34 -19.87
C HIS A 62 -1.58 22.75 -20.09
N GLN A 63 -1.31 23.67 -19.17
CA GLN A 63 -1.78 25.03 -19.34
C GLN A 63 -1.13 25.71 -20.54
N THR A 64 0.15 25.44 -20.77
CA THR A 64 0.82 26.00 -21.93
C THR A 64 0.40 25.26 -23.20
N SER A 65 0.65 23.95 -23.24
CA SER A 65 0.34 23.17 -24.44
C SER A 65 -1.14 23.22 -24.78
N GLY A 66 -2.00 23.10 -23.76
CA GLY A 66 -3.43 23.15 -23.95
C GLY A 66 -4.08 21.87 -24.45
N LEU A 67 -3.28 20.85 -24.78
CA LEU A 67 -3.85 19.62 -25.34
C LEU A 67 -4.25 18.73 -24.15
N HIS A 68 -5.20 17.84 -24.42
CA HIS A 68 -5.76 17.01 -23.36
C HIS A 68 -6.49 15.84 -24.02
N VAL A 69 -6.97 14.94 -23.18
CA VAL A 69 -7.93 13.91 -23.57
C VAL A 69 -9.05 13.89 -22.55
N THR A 70 -10.27 13.61 -23.03
CA THR A 70 -11.41 13.59 -22.14
C THR A 70 -11.43 12.30 -21.33
N GLY A 71 -12.09 12.35 -20.18
CA GLY A 71 -12.27 11.14 -19.40
C GLY A 71 -12.97 10.06 -20.18
N ASP A 72 -13.94 10.44 -21.02
CA ASP A 72 -14.67 9.47 -21.83
C ASP A 72 -13.76 8.73 -22.78
N GLU A 73 -12.81 9.44 -23.41
CA GLU A 73 -11.87 8.78 -24.31
C GLU A 73 -11.06 7.73 -23.56
N VAL A 74 -10.57 8.06 -22.38
CA VAL A 74 -9.81 7.07 -21.62
C VAL A 74 -10.76 6.09 -20.92
N VAL A 75 -11.99 6.52 -20.62
CA VAL A 75 -13.02 5.56 -20.23
C VAL A 75 -13.31 4.63 -21.40
N SER A 76 -13.36 5.19 -22.62
CA SER A 76 -13.50 4.36 -23.81
C SER A 76 -12.30 3.42 -23.96
N TRP A 77 -11.09 3.95 -23.76
CA TRP A 77 -9.89 3.13 -23.85
C TRP A 77 -9.87 2.04 -22.79
N LEU A 78 -10.16 2.40 -21.54
CA LEU A 78 -9.90 1.49 -20.42
C LEU A 78 -10.84 0.28 -20.43
N GLU A 79 -12.06 0.40 -20.93
CA GLU A 79 -13.00 -0.71 -20.84
C GLU A 79 -12.63 -1.88 -21.75
N SER A 80 -11.58 -1.73 -22.56
CA SER A 80 -11.08 -2.80 -23.41
C SER A 80 -9.77 -3.39 -22.90
N TRP A 81 -9.38 -3.07 -21.67
CA TRP A 81 -8.11 -3.56 -21.14
C TRP A 81 -8.17 -5.05 -20.87
N GLY A 82 -7.20 -5.80 -21.34
CA GLY A 82 -7.16 -7.22 -21.09
C GLY A 82 -8.02 -8.07 -21.98
N SER A 83 -8.93 -7.45 -22.72
CA SER A 83 -9.82 -8.17 -23.63
C SER A 83 -9.19 -8.05 -25.00
N GLU A 84 -8.22 -8.92 -25.25
CA GLU A 84 -7.52 -8.97 -26.51
C GLU A 84 -7.56 -7.76 -27.39
N ASN A 85 -8.67 -7.50 -28.06
CA ASN A 85 -8.73 -6.33 -28.91
C ASN A 85 -8.86 -5.16 -27.98
N GLU A 86 -7.75 -4.51 -27.70
CA GLU A 86 -7.73 -3.40 -26.78
C GLU A 86 -7.77 -2.14 -27.60
N GLN A 87 -7.24 -1.08 -27.03
CA GLN A 87 -7.22 0.17 -27.79
C GLN A 87 -5.99 1.00 -27.42
N ALA A 88 -5.93 2.25 -27.86
CA ALA A 88 -4.78 3.06 -27.53
C ALA A 88 -5.40 4.23 -26.81
N ALA A 89 -4.89 5.44 -27.12
CA ALA A 89 -5.33 6.72 -26.59
C ALA A 89 -5.00 7.73 -27.66
N LEU A 90 -5.86 8.71 -27.85
CA LEU A 90 -5.59 9.72 -28.86
C LEU A 90 -5.18 10.98 -28.15
N HIS A 91 -4.99 12.05 -28.89
CA HIS A 91 -4.63 13.33 -28.29
C HIS A 91 -5.27 14.53 -28.92
N ALA A 92 -6.39 14.94 -28.34
CA ALA A 92 -7.13 16.05 -28.90
C ALA A 92 -6.55 17.38 -28.40
N THR A 93 -6.90 18.45 -29.09
CA THR A 93 -6.42 19.77 -28.74
C THR A 93 -7.55 20.75 -28.45
N LYS B 5 6.80 16.65 27.96
CA LYS B 5 7.97 16.07 28.62
C LYS B 5 9.14 15.99 27.63
N PRO B 6 10.00 17.01 27.64
CA PRO B 6 11.04 17.11 26.63
C PRO B 6 12.16 16.08 26.81
N VAL B 7 12.72 15.67 25.68
CA VAL B 7 13.81 14.69 25.65
C VAL B 7 14.69 15.00 24.44
N SER B 8 16.01 14.89 24.63
CA SER B 8 16.98 15.24 23.59
C SER B 8 17.25 14.04 22.68
N VAL B 9 17.50 14.33 21.40
CA VAL B 9 17.77 13.31 20.40
C VAL B 9 18.94 13.79 19.54
N LYS B 10 20.02 13.01 19.49
CA LYS B 10 21.17 13.34 18.65
C LYS B 10 20.85 13.00 17.19
N LEU B 11 21.01 13.98 16.31
CA LEU B 11 20.62 13.84 14.91
C LEU B 11 21.84 13.63 14.03
N ASP B 12 21.63 12.99 12.91
CA ASP B 12 22.74 12.68 12.07
C ASP B 12 23.33 13.81 11.28
N ALA B 13 23.05 15.04 11.67
CA ALA B 13 23.38 16.23 10.89
C ALA B 13 22.68 16.31 9.55
N ASP B 14 23.30 15.70 8.54
CA ASP B 14 22.79 15.62 7.17
C ASP B 14 21.30 15.42 7.12
N ILE B 15 20.76 14.55 7.94
CA ILE B 15 19.33 14.49 7.85
C ILE B 15 18.74 15.79 8.37
N LYS B 16 19.09 16.11 9.59
CA LYS B 16 18.52 17.34 10.13
C LYS B 16 18.46 18.39 9.02
N ALA B 17 19.43 18.38 8.10
CA ALA B 17 19.37 19.32 6.98
C ALA B 17 18.20 18.99 6.07
N ARG B 18 17.94 17.70 5.82
CA ARG B 18 16.78 17.31 5.03
C ARG B 18 15.48 17.51 5.80
N VAL B 19 15.53 17.35 7.12
CA VAL B 19 14.37 17.68 7.95
C VAL B 19 14.03 19.15 7.82
N GLU B 20 15.00 20.01 8.09
CA GLU B 20 14.75 21.44 8.06
C GLU B 20 14.46 21.96 6.65
N HIS B 21 14.82 21.23 5.60
CA HIS B 21 14.50 21.72 4.27
C HIS B 21 13.03 21.52 3.94
N LEU B 22 12.49 20.34 4.23
CA LEU B 22 11.07 20.08 4.08
C LEU B 22 10.24 21.01 4.96
N ALA B 23 10.81 21.51 6.06
CA ALA B 23 10.08 22.45 6.92
C ALA B 23 9.95 23.81 6.25
N GLU B 24 10.98 24.24 5.52
CA GLU B 24 10.87 25.47 4.72
C GLU B 24 9.73 25.36 3.73
N THR B 25 9.67 24.25 3.00
CA THR B 25 8.65 24.08 1.97
C THR B 25 7.25 24.07 2.58
N ARG B 26 7.02 23.18 3.54
CA ARG B 26 5.70 23.01 4.10
C ARG B 26 5.24 24.20 4.92
N LYS B 27 6.14 25.15 5.18
CA LYS B 27 5.83 26.30 6.04
C LYS B 27 5.36 25.86 7.42
N ARG B 28 6.02 24.84 7.98
CA ARG B 28 5.73 24.43 9.34
C ARG B 28 7.00 24.37 10.17
N SER B 29 6.90 23.91 11.41
CA SER B 29 8.03 23.96 12.33
C SER B 29 8.83 22.66 12.28
N SER B 30 10.15 22.79 12.45
CA SER B 30 10.99 21.61 12.55
C SER B 30 10.59 20.75 13.74
N HIS B 31 9.91 21.33 14.72
CA HIS B 31 9.49 20.56 15.89
C HIS B 31 8.23 19.76 15.59
N TRP B 32 7.20 20.42 15.03
CA TRP B 32 6.02 19.67 14.62
C TRP B 32 6.35 18.69 13.51
N MSE B 33 7.37 19.01 12.71
CA MSE B 33 7.91 18.10 11.71
C MSE B 33 8.09 16.67 12.22
O MSE B 33 7.41 15.73 11.76
CB MSE B 33 9.27 18.60 11.20
CG MSE B 33 9.49 18.36 9.71
SE MSE B 33 8.07 19.28 8.73
CE MSE B 33 8.53 18.76 6.92
N MSE B 34 8.99 16.50 13.17
CA MSE B 34 9.31 15.19 13.69
C MSE B 34 8.22 14.72 14.62
O MSE B 34 7.99 13.52 14.76
CB MSE B 34 10.65 15.23 14.42
CG MSE B 34 11.87 15.47 13.52
SE MSE B 34 13.57 15.42 14.48
CE MSE B 34 13.51 17.15 15.37
N ARG B 35 7.56 15.68 15.27
CA ARG B 35 6.45 15.42 16.17
C ARG B 35 5.44 14.48 15.51
N GLU B 36 5.31 14.58 14.20
CA GLU B 36 4.51 13.60 13.45
C GLU B 36 5.33 12.38 13.09
N ALA B 37 6.59 12.60 12.69
CA ALA B 37 7.46 11.49 12.29
C ALA B 37 7.55 10.42 13.37
N ILE B 38 7.40 10.81 14.63
CA ILE B 38 7.41 9.82 15.71
C ILE B 38 6.07 9.10 15.77
N ARG B 39 4.97 9.86 15.66
CA ARG B 39 3.65 9.26 15.69
C ARG B 39 3.48 8.24 14.57
N GLU B 40 3.69 8.68 13.32
CA GLU B 40 3.48 7.78 12.19
C GLU B 40 4.36 6.55 12.24
N TYR B 41 5.45 6.59 13.02
CA TYR B 41 6.27 5.40 13.18
C TYR B 41 5.60 4.41 14.13
N VAL B 42 5.32 4.83 15.35
CA VAL B 42 4.67 3.95 16.30
C VAL B 42 3.25 3.61 15.82
N GLU B 43 2.56 4.58 15.23
CA GLU B 43 1.22 4.34 14.70
C GLU B 43 1.20 3.21 13.68
N ARG B 44 2.35 2.90 13.08
CA ARG B 44 2.50 1.79 12.17
C ARG B 44 3.05 0.54 12.86
N GLU B 45 4.16 0.68 13.59
CA GLU B 45 4.75 -0.45 14.28
C GLU B 45 3.86 -0.99 15.41
N GLU B 46 2.91 -0.18 15.92
CA GLU B 46 2.02 -0.68 16.95
C GLU B 46 1.08 -1.74 16.39
N LYS B 47 0.68 -1.58 15.13
CA LYS B 47 -0.15 -2.58 14.45
C LYS B 47 0.67 -3.75 13.93
N ARG B 48 1.84 -3.47 13.33
CA ARG B 48 2.67 -4.55 12.80
C ARG B 48 3.14 -5.46 13.92
N GLU B 49 3.69 -4.89 14.99
CA GLU B 49 4.05 -5.72 16.12
C GLU B 49 2.82 -6.18 16.95
N ALA B 50 1.62 -5.82 16.50
CA ALA B 50 0.43 -6.42 17.07
C ALA B 50 0.05 -7.72 16.36
N LEU B 51 0.16 -7.76 15.03
CA LEU B 51 -0.07 -9.00 14.30
C LEU B 51 1.13 -9.93 14.37
N GLN B 52 2.31 -9.41 14.68
CA GLN B 52 3.43 -10.29 15.00
C GLN B 52 3.12 -11.15 16.21
N GLN B 53 2.49 -10.54 17.22
CA GLN B 53 2.11 -11.27 18.42
C GLN B 53 1.03 -12.31 18.13
N GLU B 54 0.10 -11.99 17.22
CA GLU B 54 -0.93 -12.95 16.86
C GLU B 54 -0.33 -14.22 16.26
N ALA B 55 0.53 -14.06 15.26
CA ALA B 55 1.18 -15.22 14.67
C ALA B 55 2.10 -15.89 15.67
N LEU B 56 2.73 -15.10 16.56
CA LEU B 56 3.60 -15.67 17.57
C LEU B 56 2.82 -16.45 18.62
N ARG B 57 1.58 -16.04 18.89
CA ARG B 57 0.74 -16.81 19.81
C ARG B 57 0.30 -18.13 19.20
N ALA B 58 0.12 -18.17 17.87
CA ALA B 58 -0.21 -19.42 17.20
C ALA B 58 0.94 -20.43 17.34
N TRP B 59 2.17 -19.95 17.23
CA TRP B 59 3.35 -20.80 17.44
C TRP B 59 3.36 -21.38 18.85
N GLU B 60 2.97 -20.57 19.84
CA GLU B 60 2.87 -21.08 21.21
C GLU B 60 1.83 -22.18 21.32
N GLU B 61 0.69 -22.01 20.65
CA GLU B 61 -0.38 -23.00 20.75
C GLU B 61 0.00 -24.30 20.05
N HIS B 62 0.80 -24.22 19.00
CA HIS B 62 1.27 -25.42 18.30
C HIS B 62 2.41 -26.09 19.05
N GLN B 63 3.44 -25.32 19.42
CA GLN B 63 4.63 -25.86 20.08
C GLN B 63 4.31 -26.58 21.37
N THR B 64 3.02 -26.73 21.69
CA THR B 64 2.60 -27.40 22.92
C THR B 64 1.47 -28.39 22.68
N SER B 65 1.15 -28.73 21.43
CA SER B 65 0.00 -29.57 21.13
C SER B 65 0.21 -30.24 19.78
N GLY B 66 -0.82 -30.93 19.30
CA GLY B 66 -0.77 -31.61 18.01
C GLY B 66 -1.31 -30.75 16.89
N LEU B 67 -1.30 -31.32 15.68
CA LEU B 67 -1.63 -30.56 14.48
C LEU B 67 -1.79 -31.52 13.31
N HIS B 68 -2.32 -30.99 12.19
CA HIS B 68 -2.57 -31.74 10.97
C HIS B 68 -2.18 -30.90 9.77
N VAL B 69 -2.20 -31.49 8.57
CA VAL B 69 -1.87 -30.72 7.37
C VAL B 69 -1.73 -31.55 6.08
N THR B 70 -0.55 -32.13 5.83
CA THR B 70 -0.28 -32.93 4.63
C THR B 70 -0.91 -31.99 3.59
N GLY B 71 -1.78 -32.49 2.73
CA GLY B 71 -2.40 -31.57 1.80
C GLY B 71 -3.81 -31.94 1.52
N ASP B 72 -4.73 -31.15 2.08
CA ASP B 72 -6.17 -31.37 1.98
C ASP B 72 -6.39 -32.82 2.40
N GLU B 73 -5.74 -33.14 3.50
CA GLU B 73 -5.74 -34.46 4.06
C GLU B 73 -5.24 -34.24 5.46
N VAL B 74 -6.16 -34.01 6.37
CA VAL B 74 -5.77 -33.79 7.75
C VAL B 74 -5.39 -35.10 8.40
N VAL B 75 -4.67 -34.96 9.49
CA VAL B 75 -4.09 -36.06 10.25
C VAL B 75 -4.32 -36.07 11.77
N SER B 76 -3.78 -35.10 12.49
CA SER B 76 -3.77 -35.17 13.96
C SER B 76 -4.29 -33.76 14.26
N TRP B 77 -5.61 -33.62 14.20
CA TRP B 77 -6.26 -32.35 14.51
C TRP B 77 -7.10 -32.66 15.74
N PRO C 2 -18.47 18.86 -14.56
CA PRO C 2 -17.14 19.11 -15.11
C PRO C 2 -16.84 18.25 -16.33
N GLN C 3 -15.70 18.47 -16.97
CA GLN C 3 -15.37 17.82 -18.23
C GLN C 3 -14.52 16.57 -18.06
N ILE C 4 -14.04 16.29 -16.84
CA ILE C 4 -13.06 15.26 -16.51
C ILE C 4 -11.82 14.96 -17.34
N VAL C 5 -11.04 16.00 -17.66
CA VAL C 5 -9.92 15.91 -18.59
C VAL C 5 -8.59 15.39 -18.07
N PHE C 6 -7.98 14.48 -18.81
CA PHE C 6 -6.66 13.95 -18.49
C PHE C 6 -5.58 14.78 -19.16
N THR C 7 -4.44 14.89 -18.49
CA THR C 7 -3.27 15.53 -19.09
C THR C 7 -2.43 14.51 -19.83
N ALA C 8 -1.49 15.01 -20.64
CA ALA C 8 -0.57 14.11 -21.31
C ALA C 8 0.26 13.32 -20.31
N THR C 9 0.66 13.98 -19.21
CA THR C 9 1.40 13.28 -18.17
C THR C 9 0.56 12.19 -17.51
N ALA C 10 -0.75 12.40 -17.38
CA ALA C 10 -1.62 11.39 -16.80
C ALA C 10 -1.94 10.28 -17.79
N LEU C 11 -1.94 10.58 -19.09
CA LEU C 11 -2.16 9.53 -20.08
C LEU C 11 -0.99 8.57 -20.14
N ARG C 12 0.24 9.09 -20.04
CA ARG C 12 1.41 8.25 -20.15
C ARG C 12 1.77 7.60 -18.82
N ASP C 13 1.27 8.14 -17.70
CA ASP C 13 1.24 7.37 -16.47
C ASP C 13 0.28 6.19 -16.58
N LEU C 14 -0.82 6.37 -17.32
CA LEU C 14 -1.71 5.25 -17.64
C LEU C 14 -1.03 4.24 -18.53
N GLU C 15 -0.26 4.73 -19.52
CA GLU C 15 0.43 3.82 -20.42
C GLU C 15 1.49 3.00 -19.68
N ARG C 16 2.26 3.65 -18.83
CA ARG C 16 3.26 2.92 -18.09
C ARG C 16 2.51 1.86 -17.37
N LEU C 17 1.45 2.30 -16.72
CA LEU C 17 0.61 1.45 -15.93
C LEU C 17 0.14 0.23 -16.67
N ARG C 18 -0.41 0.42 -17.86
CA ARG C 18 -0.92 -0.71 -18.61
C ARG C 18 0.15 -1.69 -18.87
N GLU C 19 1.14 -1.24 -19.62
CA GLU C 19 2.28 -2.04 -20.03
C GLU C 19 2.93 -2.74 -18.88
N PHE C 20 2.45 -2.45 -17.69
CA PHE C 20 3.01 -3.08 -16.54
C PHE C 20 2.27 -4.28 -16.06
N LEU C 21 1.00 -4.03 -15.84
CA LEU C 21 0.04 -5.03 -15.38
C LEU C 21 0.25 -6.32 -16.14
N ARG C 22 0.69 -6.20 -17.39
CA ARG C 22 0.93 -7.36 -18.21
C ARG C 22 1.69 -8.28 -17.31
N SER C 23 2.86 -7.84 -16.89
CA SER C 23 3.71 -8.63 -16.00
C SER C 23 3.27 -8.51 -14.54
N LYS C 24 2.11 -7.89 -14.34
CA LYS C 24 1.56 -7.71 -12.99
C LYS C 24 0.44 -8.73 -12.96
N ASN C 25 -0.58 -8.47 -12.15
CA ASN C 25 -1.72 -9.36 -12.03
C ASN C 25 -2.31 -10.10 -13.23
N PRO C 26 -2.56 -11.41 -13.06
CA PRO C 26 -3.12 -12.22 -14.17
C PRO C 26 -4.25 -11.58 -14.97
N PRO C 27 -5.44 -11.24 -14.38
CA PRO C 27 -6.37 -10.44 -15.17
C PRO C 27 -6.75 -9.12 -14.51
N ALA C 28 -5.92 -8.62 -13.57
CA ALA C 28 -6.23 -7.35 -12.95
C ALA C 28 -6.08 -6.16 -13.90
N ALA C 29 -5.66 -6.40 -15.14
CA ALA C 29 -5.74 -5.35 -16.16
C ALA C 29 -7.18 -4.85 -16.30
N GLN C 30 -8.12 -5.78 -16.48
CA GLN C 30 -9.53 -5.42 -16.49
C GLN C 30 -10.06 -5.05 -15.11
N ARG C 31 -9.31 -5.39 -14.06
CA ARG C 31 -9.73 -5.01 -12.71
C ARG C 31 -9.29 -3.59 -12.38
N ALA C 32 -8.09 -3.20 -12.78
CA ALA C 32 -7.66 -1.81 -12.57
C ALA C 32 -8.49 -0.85 -13.41
N ALA C 33 -8.79 -1.23 -14.66
CA ALA C 33 -9.51 -0.34 -15.58
C ALA C 33 -10.85 0.07 -14.99
N SER C 34 -11.60 -0.88 -14.44
CA SER C 34 -12.90 -0.53 -13.88
C SER C 34 -12.75 0.41 -12.69
N ALA C 35 -11.68 0.24 -11.90
CA ALA C 35 -11.46 1.09 -10.74
C ALA C 35 -11.26 2.55 -11.14
N ILE C 36 -10.62 2.77 -12.30
CA ILE C 36 -10.39 4.14 -12.75
C ILE C 36 -11.66 4.74 -13.30
N ILE C 37 -12.37 3.99 -14.14
CA ILE C 37 -13.63 4.46 -14.69
C ILE C 37 -14.60 4.79 -13.57
N ASN C 38 -14.59 3.98 -12.51
CA ASN C 38 -15.34 4.34 -11.30
C ASN C 38 -14.84 5.66 -10.74
N THR C 39 -13.51 5.80 -10.64
CA THR C 39 -12.94 7.05 -10.17
C THR C 39 -13.16 8.19 -11.15
N ILE C 40 -13.23 7.87 -12.45
CA ILE C 40 -13.47 8.91 -13.45
C ILE C 40 -14.89 9.44 -13.34
N ARG C 41 -15.86 8.54 -13.25
CA ARG C 41 -17.25 8.98 -13.24
C ARG C 41 -17.73 9.43 -11.87
N LYS C 42 -17.01 9.08 -10.79
CA LYS C 42 -17.31 9.70 -9.50
C LYS C 42 -16.73 11.10 -9.39
N LEU C 43 -15.71 11.41 -10.20
CA LEU C 43 -15.29 12.79 -10.38
C LEU C 43 -16.30 13.57 -11.22
N GLU C 44 -16.98 12.89 -12.15
CA GLU C 44 -18.01 13.56 -12.95
C GLU C 44 -19.17 14.04 -12.09
N SER C 45 -19.29 13.48 -10.89
CA SER C 45 -20.36 13.87 -10.00
C SER C 45 -19.88 14.60 -8.78
N TYR C 46 -19.62 13.85 -7.73
CA TYR C 46 -19.14 14.41 -6.50
C TYR C 46 -17.66 14.50 -6.71
N PRO C 47 -17.19 15.66 -7.17
CA PRO C 47 -15.77 15.88 -7.45
C PRO C 47 -15.05 16.43 -6.24
N ASP C 48 -14.47 15.55 -5.44
CA ASP C 48 -13.73 16.01 -4.29
C ASP C 48 -13.05 14.88 -3.58
N ILE C 49 -12.13 15.25 -2.73
CA ILE C 49 -11.40 14.29 -1.88
C ILE C 49 -9.95 14.75 -1.92
N GLY C 50 -9.14 14.29 -0.98
CA GLY C 50 -7.70 14.52 -1.03
C GLY C 50 -7.16 15.66 -0.18
N ARG C 51 -6.10 16.30 -0.68
CA ARG C 51 -5.42 17.37 0.04
C ARG C 51 -4.94 18.46 -0.90
N SER C 59 -5.54 25.57 -5.14
CA SER C 59 -5.56 24.68 -3.99
C SER C 59 -6.28 23.38 -4.31
N PHE C 60 -5.66 22.57 -5.17
CA PHE C 60 -6.23 21.32 -5.65
C PHE C 60 -5.79 20.14 -4.78
N ARG C 61 -6.54 19.03 -4.88
CA ARG C 61 -6.38 17.89 -4.01
C ARG C 61 -6.04 16.63 -4.82
N GLU C 62 -5.91 15.51 -4.11
CA GLU C 62 -5.54 14.22 -4.69
C GLU C 62 -6.70 13.24 -4.55
N LEU C 63 -6.45 11.99 -4.95
CA LEU C 63 -7.47 10.95 -4.88
C LEU C 63 -6.80 9.60 -5.07
N LEU C 64 -7.11 8.66 -4.17
CA LEU C 64 -6.58 7.31 -4.24
C LEU C 64 -7.53 6.42 -5.04
N ILE C 65 -6.96 5.50 -5.80
CA ILE C 65 -7.70 4.52 -6.61
C ILE C 65 -7.18 3.13 -6.23
N ASP C 66 -7.99 2.41 -5.47
CA ASP C 66 -7.63 1.11 -4.94
C ASP C 66 -8.15 -0.05 -5.77
N PHE C 67 -7.29 -1.03 -5.98
CA PHE C 67 -7.67 -2.20 -6.72
C PHE C 67 -6.73 -3.36 -6.49
N GLY C 68 -7.28 -4.44 -5.95
CA GLY C 68 -6.52 -5.64 -5.70
C GLY C 68 -5.23 -5.51 -4.91
N ASP C 69 -4.15 -5.96 -5.53
CA ASP C 69 -2.86 -5.99 -4.84
C ASP C 69 -2.67 -4.74 -3.98
N THR C 70 -2.70 -3.57 -4.62
CA THR C 70 -2.44 -2.29 -3.97
C THR C 70 -3.10 -1.23 -4.82
N GLY C 71 -2.87 0.04 -4.51
CA GLY C 71 -3.49 1.14 -5.24
C GLY C 71 -2.60 2.24 -5.73
N TYR C 72 -3.16 3.09 -6.59
CA TYR C 72 -2.45 4.20 -7.19
C TYR C 72 -3.01 5.53 -6.66
N LEU C 73 -2.54 6.63 -7.24
CA LEU C 73 -2.84 7.97 -6.71
C LEU C 73 -3.11 8.93 -7.86
N ALA C 74 -4.36 9.30 -8.03
CA ALA C 74 -4.73 10.32 -9.00
C ALA C 74 -4.56 11.70 -8.39
N MSE C 75 -4.04 12.63 -9.19
CA MSE C 75 -3.92 14.01 -8.76
C MSE C 75 -4.62 14.88 -9.80
O MSE C 75 -4.47 14.63 -10.98
CB MSE C 75 -2.45 14.40 -8.60
CG MSE C 75 -1.76 13.69 -7.44
SE MSE C 75 0.15 14.08 -7.35
CE MSE C 75 0.51 13.23 -5.63
N TYR C 76 -5.38 15.87 -9.38
CA TYR C 76 -6.18 16.61 -10.35
C TYR C 76 -6.44 18.02 -9.85
N GLN C 77 -7.01 18.86 -10.70
CA GLN C 77 -7.25 20.25 -10.34
C GLN C 77 -8.63 20.80 -10.70
N TYR C 78 -9.13 21.69 -9.84
CA TYR C 78 -10.43 22.38 -9.98
C TYR C 78 -11.62 21.45 -10.07
N GLU C 82 -12.71 25.84 -12.80
CA GLU C 82 -13.85 25.45 -11.99
C GLU C 82 -14.94 24.77 -12.80
N ARG C 83 -14.56 24.14 -13.91
CA ARG C 83 -15.56 23.46 -14.73
C ARG C 83 -15.05 22.27 -15.53
N LEU C 84 -13.80 21.87 -15.30
CA LEU C 84 -13.21 20.70 -15.94
C LEU C 84 -12.01 20.21 -15.15
N THR C 85 -12.28 19.36 -14.17
CA THR C 85 -11.23 18.82 -13.32
C THR C 85 -10.09 18.19 -14.10
N VAL C 86 -9.18 19.00 -14.59
CA VAL C 86 -8.05 18.45 -15.32
C VAL C 86 -7.41 17.41 -14.43
N LEU C 87 -7.10 16.26 -15.00
CA LEU C 87 -6.48 15.15 -14.28
C LEU C 87 -5.02 15.09 -14.68
N CYS C 88 -4.14 15.50 -13.76
CA CYS C 88 -2.70 15.55 -14.01
C CYS C 88 -2.01 14.55 -13.10
N ILE C 89 -1.34 13.57 -13.71
CA ILE C 89 -0.45 12.64 -13.01
C ILE C 89 -1.11 11.55 -12.17
N ARG C 90 -0.80 10.29 -12.47
CA ARG C 90 -1.23 9.17 -11.65
C ARG C 90 -0.16 8.12 -11.36
N HIS C 91 0.79 8.43 -10.47
CA HIS C 91 1.90 7.54 -10.20
C HIS C 91 1.49 6.39 -9.29
N GLN C 92 2.45 5.52 -9.00
CA GLN C 92 2.17 4.22 -8.40
C GLN C 92 2.15 4.25 -6.87
N LYS C 93 2.33 5.41 -6.26
CA LYS C 93 2.39 5.56 -4.81
C LYS C 93 3.54 4.74 -4.23
N PRO D 2 9.43 -30.24 1.80
CA PRO D 2 8.87 -30.07 3.15
C PRO D 2 7.49 -30.70 3.29
N GLN D 3 7.02 -30.82 4.53
CA GLN D 3 5.74 -31.46 4.80
C GLN D 3 4.56 -30.51 4.67
N ILE D 4 4.82 -29.21 4.59
CA ILE D 4 3.76 -28.22 4.48
C ILE D 4 2.62 -28.29 5.50
N VAL D 5 2.97 -28.15 6.77
CA VAL D 5 1.98 -28.20 7.85
C VAL D 5 1.12 -26.96 8.07
N PHE D 6 -0.03 -27.15 8.69
CA PHE D 6 -0.95 -26.05 8.98
C PHE D 6 -1.33 -26.03 10.45
N THR D 7 -1.41 -24.84 11.03
CA THR D 7 -1.76 -24.71 12.45
C THR D 7 -3.27 -24.60 12.63
N ALA D 8 -3.71 -24.69 13.90
CA ALA D 8 -5.13 -24.50 14.20
C ALA D 8 -5.53 -23.04 13.99
N THR D 9 -4.65 -22.11 14.37
CA THR D 9 -4.96 -20.70 14.16
C THR D 9 -5.06 -20.37 12.68
N ALA D 10 -4.30 -21.09 11.85
CA ALA D 10 -4.43 -20.91 10.41
C ALA D 10 -5.62 -21.68 9.86
N LEU D 11 -6.01 -22.78 10.50
CA LEU D 11 -7.17 -23.56 10.06
C LEU D 11 -8.46 -22.79 10.24
N ARG D 12 -8.62 -22.13 11.40
CA ARG D 12 -9.81 -21.33 11.64
C ARG D 12 -9.81 -20.05 10.82
N ASP D 13 -8.63 -19.50 10.51
CA ASP D 13 -8.57 -18.37 9.60
C ASP D 13 -9.07 -18.72 8.21
N LEU D 14 -9.03 -20.00 7.83
CA LEU D 14 -9.63 -20.44 6.57
C LEU D 14 -11.14 -20.56 6.67
N GLU D 15 -11.62 -21.13 7.78
CA GLU D 15 -13.07 -21.25 7.98
C GLU D 15 -13.72 -19.87 8.06
N ARG D 16 -13.04 -18.91 8.71
CA ARG D 16 -13.43 -17.52 8.61
C ARG D 16 -13.57 -17.10 7.15
N LEU D 17 -12.59 -17.48 6.35
CA LEU D 17 -12.58 -17.12 4.95
C LEU D 17 -13.72 -17.70 4.16
N ARG D 18 -13.85 -19.02 4.22
CA ARG D 18 -14.89 -19.75 3.47
C ARG D 18 -16.27 -19.15 3.42
N GLU D 19 -16.75 -18.71 4.58
CA GLU D 19 -18.05 -18.08 4.74
C GLU D 19 -18.22 -17.01 3.70
N PHE D 20 -17.34 -16.01 3.73
CA PHE D 20 -17.51 -14.96 2.76
C PHE D 20 -17.77 -15.49 1.37
N PRO D 26 -22.02 -17.38 -6.59
CA PRO D 26 -20.99 -16.57 -7.22
C PRO D 26 -19.72 -17.38 -7.17
N PRO D 27 -19.09 -17.65 -8.32
CA PRO D 27 -17.86 -18.42 -8.36
C PRO D 27 -16.86 -17.84 -7.42
N ALA D 28 -16.57 -18.61 -6.37
CA ALA D 28 -15.62 -18.25 -5.36
C ALA D 28 -15.39 -19.55 -4.67
N ALA D 29 -16.44 -20.34 -4.56
CA ALA D 29 -16.31 -21.63 -3.89
C ALA D 29 -15.15 -22.41 -4.50
N GLN D 30 -15.04 -22.38 -5.83
CA GLN D 30 -13.94 -23.01 -6.55
C GLN D 30 -12.91 -22.00 -7.04
N ARG D 31 -12.99 -20.74 -6.57
CA ARG D 31 -12.00 -19.74 -6.97
C ARG D 31 -10.81 -19.41 -6.10
N ALA D 32 -11.06 -19.07 -4.83
CA ALA D 32 -9.99 -18.59 -3.95
C ALA D 32 -9.35 -19.87 -3.43
N ALA D 33 -10.11 -20.98 -3.40
CA ALA D 33 -9.53 -22.26 -3.02
C ALA D 33 -8.39 -22.65 -3.95
N SER D 34 -8.52 -22.35 -5.25
CA SER D 34 -7.44 -22.68 -6.17
C SER D 34 -6.21 -21.82 -5.93
N ALA D 35 -6.39 -20.55 -5.51
CA ALA D 35 -5.26 -19.68 -5.25
C ALA D 35 -4.43 -20.14 -4.05
N ILE D 36 -5.03 -20.90 -3.15
CA ILE D 36 -4.31 -21.38 -1.97
C ILE D 36 -3.64 -22.72 -2.26
N ILE D 37 -4.30 -23.60 -3.01
CA ILE D 37 -3.68 -24.87 -3.39
C ILE D 37 -2.46 -24.63 -4.27
N ASN D 38 -2.53 -23.61 -5.13
CA ASN D 38 -1.32 -23.13 -5.80
C ASN D 38 -0.30 -22.66 -4.77
N THR D 39 -0.73 -21.79 -3.86
CA THR D 39 0.13 -21.32 -2.78
C THR D 39 0.65 -22.49 -1.95
N ILE D 40 -0.20 -23.48 -1.68
CA ILE D 40 0.23 -24.65 -0.91
C ILE D 40 1.33 -25.40 -1.63
N ARG D 41 1.15 -25.63 -2.93
CA ARG D 41 2.08 -26.52 -3.64
C ARG D 41 3.35 -25.81 -4.08
N LYS D 42 3.31 -24.49 -4.28
CA LYS D 42 4.56 -23.78 -4.51
C LYS D 42 5.38 -23.68 -3.24
N LEU D 43 4.75 -23.83 -2.07
CA LEU D 43 5.50 -23.94 -0.83
C LEU D 43 6.18 -25.30 -0.72
N GLU D 44 5.55 -26.36 -1.25
CA GLU D 44 6.15 -27.68 -1.21
C GLU D 44 7.45 -27.75 -2.00
N SER D 45 7.71 -26.71 -2.79
CA SER D 45 8.94 -26.61 -3.55
C SER D 45 9.74 -25.36 -3.13
N TYR D 46 9.22 -24.18 -3.42
CA TYR D 46 9.91 -22.94 -3.09
C TYR D 46 9.38 -22.30 -1.82
N PRO D 47 10.08 -22.47 -0.68
CA PRO D 47 9.53 -21.87 0.55
C PRO D 47 9.93 -20.43 0.82
N ASP D 48 10.49 -19.75 -0.17
CA ASP D 48 10.88 -18.38 0.04
C ASP D 48 11.81 -18.35 1.24
N ILE D 49 11.64 -17.36 2.09
CA ILE D 49 12.45 -17.22 3.28
C ILE D 49 11.87 -16.18 4.24
N SER D 59 13.40 -15.64 12.02
CA SER D 59 12.71 -14.79 11.07
C SER D 59 12.01 -15.63 10.00
N PHE D 60 10.69 -15.73 10.13
CA PHE D 60 9.88 -16.41 9.13
C PHE D 60 9.06 -15.39 8.34
N ARG D 61 8.70 -15.72 7.12
CA ARG D 61 7.94 -14.78 6.31
C ARG D 61 6.55 -15.29 5.96
N GLU D 62 5.50 -14.54 6.30
CA GLU D 62 4.17 -14.99 5.92
C GLU D 62 3.99 -14.53 4.47
N LEU D 63 3.77 -15.50 3.59
CA LEU D 63 3.63 -15.25 2.15
C LEU D 63 2.43 -14.46 1.69
N LEU D 64 2.44 -14.12 0.40
CA LEU D 64 1.40 -13.35 -0.25
C LEU D 64 0.25 -14.22 -0.67
N ILE D 65 -0.74 -13.62 -1.29
CA ILE D 65 -1.90 -14.40 -1.71
C ILE D 65 -2.75 -13.31 -2.35
N ASP D 66 -3.16 -13.52 -3.60
CA ASP D 66 -3.93 -12.53 -4.33
C ASP D 66 -4.83 -13.35 -5.25
N PHE D 67 -6.14 -13.08 -5.19
CA PHE D 67 -7.04 -13.54 -6.23
C PHE D 67 -8.22 -12.59 -6.15
N GLY D 68 -8.58 -12.01 -7.30
CA GLY D 68 -9.80 -11.22 -7.41
C GLY D 68 -9.92 -9.92 -6.67
N ASP D 69 -10.90 -9.84 -5.76
CA ASP D 69 -11.20 -8.60 -5.06
C ASP D 69 -9.96 -8.04 -4.38
N THR D 70 -9.44 -8.77 -3.39
CA THR D 70 -8.25 -8.35 -2.66
C THR D 70 -7.47 -9.62 -2.34
N GLY D 71 -6.41 -9.45 -1.53
CA GLY D 71 -5.56 -10.56 -1.18
C GLY D 71 -5.42 -10.81 0.30
N TYR D 72 -5.04 -12.04 0.62
CA TYR D 72 -4.88 -12.52 1.99
C TYR D 72 -3.40 -12.74 2.31
N LEU D 73 -3.14 -13.26 3.53
CA LEU D 73 -1.82 -13.15 4.15
C LEU D 73 -1.68 -14.45 4.93
N ALA D 74 -0.83 -15.37 4.43
CA ALA D 74 -0.63 -16.66 5.07
C ALA D 74 0.79 -16.59 5.61
N MSE D 75 0.91 -16.40 6.93
CA MSE D 75 2.21 -16.38 7.62
C MSE D 75 2.58 -17.79 8.07
O MSE D 75 1.74 -18.52 8.55
CB MSE D 75 2.17 -15.44 8.84
CG MSE D 75 3.51 -15.19 9.53
SE MSE D 75 4.49 -13.74 8.59
CE MSE D 75 5.53 -12.88 10.01
N TYR D 76 3.84 -18.18 7.92
CA TYR D 76 4.18 -19.56 8.25
C TYR D 76 5.62 -19.56 8.75
N GLN D 77 6.16 -20.76 8.96
CA GLN D 77 7.57 -20.92 9.30
C GLN D 77 8.20 -22.11 8.58
N LEU D 84 9.26 -29.57 7.65
CA LEU D 84 7.93 -28.99 7.82
C LEU D 84 7.94 -27.48 7.58
N THR D 85 6.93 -26.98 6.87
CA THR D 85 6.66 -25.54 6.80
C THR D 85 5.36 -25.29 7.57
N VAL D 86 5.51 -24.89 8.83
CA VAL D 86 4.38 -24.70 9.73
C VAL D 86 3.65 -23.40 9.36
N LEU D 87 2.42 -23.53 8.88
CA LEU D 87 1.62 -22.39 8.43
C LEU D 87 0.73 -21.94 9.57
N CYS D 88 1.04 -20.78 10.14
CA CYS D 88 0.36 -20.27 11.33
C CYS D 88 -0.24 -18.91 11.01
N ILE D 89 -1.57 -18.83 11.03
CA ILE D 89 -2.34 -17.60 10.82
C ILE D 89 -2.35 -17.11 9.36
N ARG D 90 -3.56 -16.95 8.80
CA ARG D 90 -3.74 -16.35 7.47
C ARG D 90 -4.84 -15.28 7.47
N HIS D 91 -4.48 -14.06 7.85
CA HIS D 91 -5.46 -13.00 8.00
C HIS D 91 -5.66 -12.26 6.67
N GLN D 92 -6.72 -11.47 6.64
CA GLN D 92 -7.29 -10.90 5.42
C GLN D 92 -6.50 -9.71 4.88
N LYS D 93 -5.47 -9.25 5.58
CA LYS D 93 -4.67 -8.10 5.14
C LYS D 93 -5.51 -6.83 5.09
#